data_7IAS
#
_entry.id   7IAS
#
_cell.length_a   60.310
_cell.length_b   60.310
_cell.length_c   214.450
_cell.angle_alpha   90.00
_cell.angle_beta   90.00
_cell.angle_gamma   90.00
#
_symmetry.space_group_name_H-M   'P 43 21 2'
#
loop_
_entity.id
_entity.type
_entity.pdbx_description
1 polymer 'NS2B co-factor'
2 polymer 'NS3 protease'
3 non-polymer 5-methylfuran-2-carboxamide
4 water water
#
loop_
_entity_poly.entity_id
_entity_poly.type
_entity_poly.pdbx_seq_one_letter_code
_entity_poly.pdbx_strand_id
1 'polypeptide(L)' MTGKSVDMYIERAGDITWEKDAEVTGNSPRLDVALDESGDFSLVEEDGPPMRE A,C
2 'polypeptide(L)'
;GALWDVPAPKEVKKGETTDGVYRVMTRRLLGSTQVGVGVMQEGVFHTMWHVTKGAALRSGEGRLDPYWGDVKQDLVSYCG
PWKLDAAWDGLSEVQLLAVPPGERAKNIQTLPGIFKTKDGDIGAVALDYPAGTSGSPILDKSGRVIGLYGNGVVIKNGSY
VSAITQGKREEETPVE
;
B,D
#
# COMPACT_ATOMS: atom_id res chain seq x y z
N VAL A 6 15.04 -1.69 -19.06
CA VAL A 6 14.55 -1.60 -17.69
C VAL A 6 15.70 -1.51 -16.71
N ASP A 7 15.91 -0.33 -16.13
CA ASP A 7 16.93 -0.17 -15.11
C ASP A 7 16.29 -0.06 -13.73
N MET A 8 16.93 -0.72 -12.79
CA MET A 8 16.48 -0.84 -11.42
C MET A 8 17.48 -0.05 -10.60
N TYR A 9 16.97 0.72 -9.64
CA TYR A 9 17.82 1.65 -8.87
C TYR A 9 17.32 1.69 -7.43
N ILE A 10 18.20 2.17 -6.53
CA ILE A 10 17.89 2.19 -5.10
C ILE A 10 17.93 3.63 -4.58
N GLU A 11 17.09 3.87 -3.58
CA GLU A 11 16.97 5.17 -2.93
C GLU A 11 16.91 4.94 -1.43
N ARG A 12 17.74 5.67 -0.69
CA ARG A 12 17.76 5.50 0.77
C ARG A 12 16.44 5.97 1.37
N ALA A 13 15.90 5.16 2.30
CA ALA A 13 14.64 5.50 2.95
C ALA A 13 14.73 5.65 4.45
N GLY A 14 15.84 5.28 5.07
CA GLY A 14 15.93 5.45 6.52
C GLY A 14 17.07 4.69 7.14
N ASP A 15 17.27 4.96 8.42
CA ASP A 15 18.17 4.21 9.28
C ASP A 15 17.51 2.89 9.68
N ILE A 16 18.34 1.93 10.04
CA ILE A 16 17.82 0.69 10.61
C ILE A 16 17.86 0.84 12.12
N THR A 17 16.69 1.12 12.70
N THR A 17 16.69 1.13 12.70
CA THR A 17 16.60 1.43 14.12
CA THR A 17 16.59 1.42 14.12
C THR A 17 15.27 0.92 14.66
C THR A 17 15.28 0.88 14.65
N TRP A 18 15.32 0.43 15.90
CA TRP A 18 14.12 0.12 16.66
C TRP A 18 13.45 1.42 17.09
N GLU A 19 12.12 1.47 17.01
CA GLU A 19 11.36 2.65 17.43
C GLU A 19 10.52 2.30 18.67
N LYS A 20 10.76 3.03 19.76
CA LYS A 20 10.06 2.76 21.01
C LYS A 20 8.55 2.95 20.87
N ASP A 21 8.13 3.84 19.97
CA ASP A 21 6.72 4.21 19.84
C ASP A 21 6.00 3.51 18.68
N ALA A 22 6.46 2.34 18.28
CA ALA A 22 5.90 1.72 17.10
C ALA A 22 4.48 1.24 17.34
N GLU A 23 3.66 1.32 16.28
CA GLU A 23 2.39 0.61 16.26
C GLU A 23 2.62 -0.88 16.45
N VAL A 24 1.73 -1.53 17.20
CA VAL A 24 1.86 -2.94 17.53
C VAL A 24 0.65 -3.68 16.98
N THR A 25 0.90 -4.74 16.21
CA THR A 25 -0.24 -5.47 15.66
C THR A 25 0.22 -6.83 15.17
N GLY A 26 -0.77 -7.65 14.88
CA GLY A 26 -0.59 -8.93 14.24
C GLY A 26 -0.60 -10.08 15.22
N ASN A 27 -1.06 -11.23 14.76
N ASN A 27 -0.97 -11.26 14.71
CA ASN A 27 -1.09 -12.42 15.61
CA ASN A 27 -1.04 -12.52 15.45
C ASN A 27 0.15 -13.27 15.33
C ASN A 27 0.31 -13.25 15.40
N SER A 28 0.23 -14.43 16.01
N SER A 28 0.35 -14.45 16.00
CA SER A 28 1.45 -15.24 16.05
CA SER A 28 1.56 -15.27 16.05
C SER A 28 1.11 -16.69 15.76
C SER A 28 1.20 -16.72 15.74
N PRO A 29 0.73 -16.99 14.52
CA PRO A 29 0.28 -18.34 14.17
C PRO A 29 1.43 -19.33 14.13
N ARG A 30 1.14 -20.58 14.53
CA ARG A 30 2.07 -21.70 14.42
C ARG A 30 1.58 -22.60 13.30
N LEU A 31 2.39 -22.71 12.25
CA LEU A 31 1.99 -23.31 10.99
C LEU A 31 3.00 -24.38 10.60
N ASP A 32 2.51 -25.51 10.14
CA ASP A 32 3.34 -26.53 9.52
C ASP A 32 3.48 -26.19 8.04
N VAL A 33 4.73 -26.04 7.57
CA VAL A 33 4.97 -25.64 6.19
C VAL A 33 6.11 -26.48 5.60
N ALA A 34 6.12 -26.52 4.27
CA ALA A 34 7.18 -27.14 3.50
C ALA A 34 7.77 -26.09 2.57
N LEU A 35 9.05 -26.22 2.29
CA LEU A 35 9.77 -25.27 1.43
C LEU A 35 10.30 -26.07 0.26
N ASP A 36 9.88 -25.71 -0.95
CA ASP A 36 10.27 -26.48 -2.12
C ASP A 36 11.46 -25.82 -2.81
N GLU A 37 11.90 -26.47 -3.90
CA GLU A 37 13.16 -26.10 -4.51
C GLU A 37 13.08 -24.68 -5.08
N SER A 38 11.89 -24.23 -5.44
CA SER A 38 11.71 -22.90 -6.02
C SER A 38 11.58 -21.81 -4.97
N GLY A 39 11.83 -22.11 -3.70
CA GLY A 39 11.72 -21.12 -2.66
C GLY A 39 10.30 -20.87 -2.21
N ASP A 40 9.34 -21.68 -2.65
CA ASP A 40 7.94 -21.49 -2.30
C ASP A 40 7.57 -22.28 -1.06
N PHE A 41 7.01 -21.58 -0.07
CA PHE A 41 6.43 -22.21 1.11
C PHE A 41 5.02 -22.67 0.81
N SER A 42 4.65 -23.82 1.36
CA SER A 42 3.29 -24.31 1.25
C SER A 42 2.88 -24.91 2.58
N LEU A 43 1.57 -24.90 2.85
CA LEU A 43 1.06 -25.53 4.06
C LEU A 43 1.14 -27.04 3.94
N VAL A 44 1.38 -27.70 5.08
CA VAL A 44 1.37 -29.14 5.20
C VAL A 44 0.38 -29.56 6.28
N GLU A 45 -0.27 -30.69 6.06
CA GLU A 45 -1.11 -31.33 7.08
C GLU A 45 -0.64 -32.77 7.31
N THR B 17 26.15 4.09 -0.64
CA THR B 17 26.81 3.01 0.08
C THR B 17 26.52 3.06 1.58
N THR B 18 25.87 4.15 2.02
CA THR B 18 25.57 4.35 3.42
C THR B 18 24.66 3.25 3.95
N ASP B 19 24.97 2.81 5.17
CA ASP B 19 24.10 1.87 5.87
C ASP B 19 22.68 2.42 5.88
N GLY B 20 21.72 1.54 5.73
CA GLY B 20 20.34 1.96 5.88
C GLY B 20 19.41 1.03 5.14
N VAL B 21 18.13 1.37 5.20
CA VAL B 21 17.11 0.68 4.44
C VAL B 21 16.82 1.50 3.19
N TYR B 22 16.65 0.83 2.06
CA TYR B 22 16.50 1.44 0.73
C TYR B 22 15.30 0.91 -0.01
N ARG B 23 14.64 1.79 -0.79
CA ARG B 23 13.68 1.34 -1.79
C ARG B 23 14.39 0.79 -3.01
N VAL B 24 13.81 -0.24 -3.61
CA VAL B 24 14.24 -0.78 -4.90
C VAL B 24 13.18 -0.38 -5.92
N MET B 25 13.60 0.43 -6.88
CA MET B 25 12.72 1.07 -7.86
C MET B 25 13.05 0.57 -9.26
N THR B 26 12.05 0.65 -10.13
CA THR B 26 12.24 0.31 -11.52
C THR B 26 11.52 1.33 -12.41
N ARG B 27 12.11 1.55 -13.59
CA ARG B 27 11.46 2.29 -14.66
C ARG B 27 11.32 1.40 -15.89
N LEU B 30 8.20 4.69 -18.81
CA LEU B 30 7.36 5.76 -18.29
C LEU B 30 7.71 6.06 -16.81
N GLY B 31 6.74 5.88 -15.92
CA GLY B 31 6.92 6.23 -14.53
C GLY B 31 7.78 5.24 -13.76
N SER B 32 7.96 5.54 -12.49
CA SER B 32 8.71 4.66 -11.60
C SER B 32 7.73 3.93 -10.70
N THR B 33 8.11 2.70 -10.33
CA THR B 33 7.34 1.90 -9.40
C THR B 33 8.33 1.27 -8.43
N GLN B 34 7.90 1.09 -7.20
CA GLN B 34 8.71 0.43 -6.19
C GLN B 34 8.44 -1.07 -6.27
N VAL B 35 9.48 -1.85 -6.54
CA VAL B 35 9.33 -3.30 -6.57
C VAL B 35 9.77 -3.97 -5.28
N GLY B 36 10.50 -3.29 -4.42
CA GLY B 36 10.95 -3.90 -3.18
C GLY B 36 11.78 -2.96 -2.35
N VAL B 37 12.49 -3.57 -1.40
CA VAL B 37 13.21 -2.90 -0.32
C VAL B 37 14.47 -3.74 -0.08
N GLY B 38 15.52 -3.11 0.44
CA GLY B 38 16.66 -3.86 0.88
C GLY B 38 17.45 -3.14 1.94
N VAL B 39 18.49 -3.81 2.42
CA VAL B 39 19.32 -3.37 3.53
C VAL B 39 20.76 -3.23 3.07
N MET B 40 21.34 -2.04 3.26
CA MET B 40 22.77 -1.80 3.10
C MET B 40 23.42 -1.97 4.46
N GLN B 41 24.38 -2.87 4.54
CA GLN B 41 25.15 -3.00 5.77
C GLN B 41 26.54 -3.47 5.40
N GLU B 42 27.56 -2.82 5.98
CA GLU B 42 28.96 -3.22 5.76
C GLU B 42 29.30 -3.25 4.26
N GLY B 43 28.73 -2.29 3.53
CA GLY B 43 29.05 -2.13 2.12
C GLY B 43 28.39 -3.13 1.20
N VAL B 44 27.42 -3.89 1.71
CA VAL B 44 26.75 -4.93 0.94
C VAL B 44 25.26 -4.64 0.97
N PHE B 45 24.62 -4.75 -0.19
CA PHE B 45 23.19 -4.59 -0.30
C PHE B 45 22.50 -5.95 -0.30
N HIS B 46 21.52 -6.09 0.59
CA HIS B 46 20.77 -7.31 0.83
C HIS B 46 19.31 -7.14 0.44
N THR B 47 18.80 -8.04 -0.40
CA THR B 47 17.37 -8.03 -0.70
C THR B 47 16.90 -9.44 -1.02
N MET B 48 15.65 -9.57 -1.42
CA MET B 48 15.10 -10.88 -1.74
C MET B 48 15.25 -11.15 -3.23
N TRP B 49 15.58 -12.39 -3.57
CA TRP B 49 15.85 -12.71 -4.96
C TRP B 49 14.67 -12.33 -5.84
N HIS B 50 13.44 -12.59 -5.38
CA HIS B 50 12.27 -12.36 -6.23
C HIS B 50 12.06 -10.87 -6.51
N VAL B 51 12.71 -9.99 -5.75
CA VAL B 51 12.58 -8.55 -5.98
C VAL B 51 13.38 -8.13 -7.21
N THR B 52 14.63 -8.58 -7.33
CA THR B 52 15.48 -8.13 -8.42
C THR B 52 15.78 -9.20 -9.47
N LYS B 53 15.55 -10.48 -9.15
CA LYS B 53 15.94 -11.60 -10.02
C LYS B 53 17.42 -11.52 -10.39
N GLY B 54 18.21 -10.91 -9.50
CA GLY B 54 19.65 -10.80 -9.66
C GLY B 54 20.10 -9.71 -10.59
N ALA B 55 19.21 -8.84 -11.03
CA ALA B 55 19.60 -7.76 -11.93
C ALA B 55 20.55 -6.79 -11.23
N ALA B 56 21.43 -6.18 -12.03
CA ALA B 56 22.26 -5.13 -11.49
C ALA B 56 21.40 -3.95 -11.05
N LEU B 57 21.91 -3.22 -10.06
CA LEU B 57 21.20 -2.09 -9.48
C LEU B 57 22.02 -0.82 -9.66
N ARG B 58 21.33 0.27 -9.94
CA ARG B 58 21.96 1.57 -9.99
C ARG B 58 21.82 2.22 -8.62
N SER B 59 22.89 2.86 -8.17
CA SER B 59 22.87 3.65 -6.93
C SER B 59 23.53 4.97 -7.29
N GLY B 60 22.71 5.96 -7.63
CA GLY B 60 23.26 7.21 -8.11
C GLY B 60 23.95 6.97 -9.44
N GLU B 61 25.21 7.40 -9.53
CA GLU B 61 26.01 7.14 -10.72
C GLU B 61 26.76 5.81 -10.64
N GLY B 62 26.69 5.11 -9.51
CA GLY B 62 27.34 3.83 -9.37
C GLY B 62 26.45 2.66 -9.76
N ARG B 63 27.08 1.51 -9.92
CA ARG B 63 26.40 0.28 -10.27
C ARG B 63 26.74 -0.77 -9.22
N LEU B 64 25.73 -1.50 -8.78
CA LEU B 64 25.88 -2.57 -7.80
C LEU B 64 25.64 -3.89 -8.53
N ASP B 65 26.62 -4.79 -8.47
CA ASP B 65 26.46 -6.08 -9.14
C ASP B 65 26.17 -7.22 -8.16
N PRO B 66 25.39 -8.20 -8.56
CA PRO B 66 25.10 -9.33 -7.67
C PRO B 66 26.37 -10.12 -7.36
N TYR B 67 26.41 -10.63 -6.13
CA TYR B 67 27.59 -11.32 -5.62
C TYR B 67 27.26 -12.74 -5.19
N TRP B 68 26.17 -12.92 -4.50
CA TRP B 68 25.72 -14.22 -4.03
C TRP B 68 24.20 -14.21 -4.17
N GLY B 69 23.63 -15.33 -4.57
CA GLY B 69 22.18 -15.43 -4.52
C GLY B 69 21.75 -16.88 -4.50
N ASP B 70 20.49 -17.08 -4.08
CA ASP B 70 19.95 -18.43 -3.91
C ASP B 70 18.43 -18.37 -3.99
N VAL B 71 17.87 -19.00 -5.01
CA VAL B 71 16.42 -18.99 -5.22
C VAL B 71 15.68 -19.68 -4.10
N LYS B 72 16.22 -20.78 -3.56
CA LYS B 72 15.47 -21.46 -2.50
C LYS B 72 15.37 -20.63 -1.25
N GLN B 73 16.44 -19.94 -0.87
CA GLN B 73 16.35 -19.03 0.26
C GLN B 73 15.66 -17.72 -0.11
N ASP B 74 15.52 -17.46 -1.41
CA ASP B 74 14.93 -16.23 -1.93
C ASP B 74 15.71 -15.00 -1.47
N LEU B 75 17.05 -15.09 -1.53
CA LEU B 75 17.93 -14.02 -1.11
C LEU B 75 19.00 -13.72 -2.13
N VAL B 76 19.49 -12.49 -2.09
CA VAL B 76 20.59 -12.05 -2.95
C VAL B 76 21.36 -10.94 -2.22
N SER B 77 22.66 -10.95 -2.37
CA SER B 77 23.53 -9.87 -1.91
C SER B 77 24.29 -9.29 -3.09
N TYR B 78 24.56 -7.98 -2.98
CA TYR B 78 25.31 -7.21 -3.96
C TYR B 78 26.57 -6.65 -3.33
N CYS B 79 27.66 -6.67 -4.09
CA CYS B 79 28.95 -6.05 -3.79
C CYS B 79 29.78 -6.87 -2.82
N GLY B 80 29.25 -7.92 -2.23
CA GLY B 80 29.97 -8.75 -1.31
C GLY B 80 29.05 -9.78 -0.74
N PRO B 81 29.57 -10.60 0.18
CA PRO B 81 28.80 -11.71 0.73
C PRO B 81 27.77 -11.24 1.76
N TRP B 82 26.75 -12.07 1.94
CA TRP B 82 25.70 -11.80 2.91
C TRP B 82 26.27 -11.53 4.31
N LYS B 83 25.89 -10.38 4.89
CA LYS B 83 26.45 -9.95 6.15
C LYS B 83 25.54 -10.09 7.35
N LEU B 84 24.25 -10.31 7.14
CA LEU B 84 23.27 -10.27 8.22
C LEU B 84 23.18 -11.62 8.88
N ASP B 85 23.39 -11.66 10.21
CA ASP B 85 23.40 -12.96 10.86
C ASP B 85 22.61 -13.05 12.15
N ALA B 86 22.01 -11.98 12.63
CA ALA B 86 21.21 -12.10 13.85
C ALA B 86 19.98 -12.97 13.58
N ALA B 87 19.48 -13.60 14.64
CA ALA B 87 18.31 -14.47 14.56
C ALA B 87 17.32 -14.17 15.66
N TRP B 88 16.05 -14.33 15.34
CA TRP B 88 14.99 -14.21 16.34
C TRP B 88 15.28 -15.14 17.51
N ASP B 89 15.09 -14.61 18.72
CA ASP B 89 15.33 -15.39 19.94
C ASP B 89 14.17 -16.32 20.29
N GLY B 90 13.09 -16.30 19.53
CA GLY B 90 11.97 -17.21 19.75
C GLY B 90 11.00 -16.82 20.84
N LEU B 91 11.22 -15.69 21.53
CA LEU B 91 10.36 -15.28 22.64
C LEU B 91 9.92 -13.83 22.55
N SER B 92 10.77 -12.99 21.98
CA SER B 92 10.61 -11.55 22.05
C SER B 92 9.85 -10.99 20.85
N GLU B 93 9.18 -9.87 21.08
CA GLU B 93 8.62 -9.12 19.98
C GLU B 93 9.73 -8.54 19.12
N VAL B 94 9.39 -8.31 17.86
CA VAL B 94 10.31 -7.82 16.84
C VAL B 94 9.63 -6.65 16.17
N GLN B 95 10.37 -5.96 15.29
CA GLN B 95 9.79 -4.87 14.53
C GLN B 95 10.07 -5.08 13.04
N LEU B 96 9.00 -5.04 12.25
CA LEU B 96 9.14 -4.91 10.81
C LEU B 96 9.38 -3.44 10.49
N LEU B 97 10.53 -3.13 9.88
CA LEU B 97 10.81 -1.79 9.38
C LEU B 97 10.28 -1.74 7.95
N ALA B 98 8.97 -1.51 7.85
CA ALA B 98 8.26 -1.56 6.58
C ALA B 98 8.54 -0.29 5.78
N VAL B 99 8.83 -0.43 4.51
CA VAL B 99 9.03 0.73 3.66
C VAL B 99 8.05 0.60 2.50
N PRO B 100 6.78 0.90 2.70
CA PRO B 100 5.80 0.67 1.64
C PRO B 100 5.95 1.70 0.54
N PRO B 101 5.54 1.36 -0.68
CA PRO B 101 5.53 2.35 -1.76
C PRO B 101 4.78 3.62 -1.37
N GLY B 102 5.40 4.77 -1.63
CA GLY B 102 4.78 6.05 -1.38
C GLY B 102 4.64 6.47 0.08
N GLU B 103 5.24 5.74 1.01
CA GLU B 103 5.11 6.04 2.42
C GLU B 103 6.47 6.04 3.10
N ARG B 104 6.59 6.86 4.13
CA ARG B 104 7.81 6.92 4.92
C ARG B 104 8.05 5.58 5.62
N ALA B 105 9.33 5.23 5.77
CA ALA B 105 9.70 4.05 6.55
C ALA B 105 9.02 4.09 7.90
N LYS B 106 8.47 2.95 8.33
CA LYS B 106 7.73 2.91 9.58
C LYS B 106 7.95 1.57 10.25
N ASN B 107 7.89 1.58 11.57
CA ASN B 107 8.15 0.40 12.38
C ASN B 107 6.84 -0.19 12.87
N ILE B 108 6.68 -1.50 12.66
CA ILE B 108 5.50 -2.24 13.11
C ILE B 108 5.97 -3.34 14.04
N GLN B 109 5.56 -3.29 15.30
CA GLN B 109 5.99 -4.26 16.29
C GLN B 109 5.03 -5.43 16.34
N THR B 110 5.57 -6.64 16.51
CA THR B 110 4.72 -7.83 16.52
C THR B 110 5.47 -8.94 17.26
N LEU B 111 4.70 -9.91 17.80
CA LEU B 111 5.30 -11.17 18.25
C LEU B 111 5.24 -12.16 17.09
N PRO B 112 6.37 -12.67 16.58
CA PRO B 112 6.30 -13.66 15.50
C PRO B 112 5.58 -14.93 15.93
N GLY B 113 4.91 -15.54 14.98
CA GLY B 113 4.55 -16.95 15.06
C GLY B 113 5.72 -17.77 14.52
N ILE B 114 5.42 -19.01 14.13
CA ILE B 114 6.46 -19.96 13.75
C ILE B 114 6.03 -20.72 12.50
N PHE B 115 6.95 -20.86 11.54
CA PHE B 115 6.86 -21.90 10.52
C PHE B 115 7.59 -23.14 11.05
N LYS B 116 6.85 -24.24 11.21
CA LYS B 116 7.46 -25.51 11.60
C LYS B 116 7.76 -26.31 10.33
N THR B 117 9.03 -26.61 10.10
CA THR B 117 9.43 -27.34 8.90
C THR B 117 10.23 -28.56 9.29
N LYS B 118 10.41 -29.45 8.31
CA LYS B 118 11.16 -30.67 8.52
C LYS B 118 12.60 -30.39 8.91
N ASP B 119 13.11 -29.22 8.58
CA ASP B 119 14.48 -28.82 8.87
C ASP B 119 14.58 -27.84 10.03
N GLY B 120 13.52 -27.64 10.78
CA GLY B 120 13.53 -26.75 11.94
C GLY B 120 12.53 -25.63 11.82
N ASP B 121 12.47 -24.82 12.88
CA ASP B 121 11.50 -23.75 13.01
C ASP B 121 12.08 -22.44 12.51
N ILE B 122 11.23 -21.64 11.88
CA ILE B 122 11.54 -20.32 11.36
C ILE B 122 10.52 -19.33 11.93
N GLY B 123 10.97 -18.20 12.44
CA GLY B 123 10.03 -17.17 12.82
C GLY B 123 9.23 -16.70 11.63
N ALA B 124 8.02 -16.22 11.90
CA ALA B 124 7.12 -15.74 10.84
C ALA B 124 6.27 -14.60 11.39
N VAL B 125 6.04 -13.60 10.56
CA VAL B 125 5.22 -12.46 10.96
C VAL B 125 3.93 -12.40 10.16
N ALA B 126 2.81 -12.28 10.88
CA ALA B 126 1.47 -12.26 10.29
C ALA B 126 1.05 -10.82 9.96
N LEU B 127 1.84 -10.24 9.07
CA LEU B 127 1.68 -8.85 8.66
C LEU B 127 1.56 -8.84 7.15
N ASP B 128 0.62 -8.06 6.64
CA ASP B 128 0.30 -8.07 5.21
C ASP B 128 0.40 -6.66 4.64
N TYR B 129 1.56 -6.36 4.06
CA TYR B 129 1.84 -5.05 3.48
C TYR B 129 1.97 -5.18 1.97
N PRO B 130 1.89 -4.07 1.23
CA PRO B 130 1.97 -4.14 -0.24
C PRO B 130 3.22 -4.85 -0.75
N ALA B 131 3.10 -5.45 -1.95
CA ALA B 131 4.19 -6.31 -2.46
C ALA B 131 5.52 -5.58 -2.55
N GLY B 132 5.50 -4.30 -2.88
CA GLY B 132 6.69 -3.47 -2.97
C GLY B 132 7.43 -3.29 -1.66
N THR B 133 6.85 -3.80 -0.56
CA THR B 133 7.49 -3.83 0.74
C THR B 133 8.42 -5.05 0.91
N SER B 134 8.41 -6.01 -0.05
CA SER B 134 9.27 -7.19 0.05
C SER B 134 10.71 -6.77 0.15
N GLY B 135 11.46 -7.40 1.07
CA GLY B 135 12.84 -7.02 1.34
C GLY B 135 12.98 -6.15 2.57
N SER B 136 11.86 -5.66 3.12
CA SER B 136 11.94 -4.83 4.32
C SER B 136 12.53 -5.64 5.47
N PRO B 137 13.42 -5.05 6.26
CA PRO B 137 14.07 -5.79 7.33
C PRO B 137 13.15 -5.93 8.54
N ILE B 138 13.36 -7.03 9.25
CA ILE B 138 12.76 -7.33 10.54
C ILE B 138 13.88 -7.24 11.55
N LEU B 139 13.63 -6.52 12.65
CA LEU B 139 14.65 -6.13 13.62
C LEU B 139 14.39 -6.73 14.99
N ASP B 140 15.46 -7.07 15.69
CA ASP B 140 15.32 -7.38 17.11
C ASP B 140 15.45 -6.09 17.92
N LYS B 141 15.36 -6.22 19.25
CA LYS B 141 15.34 -5.07 20.15
C LYS B 141 16.66 -4.29 20.12
N SER B 142 17.75 -4.93 19.73
CA SER B 142 19.04 -4.24 19.64
C SER B 142 19.22 -3.52 18.32
N GLY B 143 18.22 -3.60 17.45
CA GLY B 143 18.28 -3.01 16.12
C GLY B 143 18.97 -3.85 15.07
N ARG B 144 19.30 -5.10 15.37
CA ARG B 144 19.97 -5.98 14.41
C ARG B 144 18.94 -6.60 13.47
N VAL B 145 19.30 -6.75 12.19
CA VAL B 145 18.37 -7.33 11.23
C VAL B 145 18.39 -8.85 11.41
N ILE B 146 17.24 -9.42 11.78
CA ILE B 146 17.07 -10.87 11.96
C ILE B 146 16.50 -11.54 10.72
N GLY B 147 16.20 -10.78 9.67
CA GLY B 147 15.75 -11.36 8.41
C GLY B 147 15.01 -10.33 7.61
N LEU B 148 14.56 -10.77 6.44
CA LEU B 148 13.81 -9.93 5.51
C LEU B 148 12.39 -10.46 5.33
N TYR B 149 11.48 -9.52 5.06
CA TYR B 149 10.04 -9.73 4.89
C TYR B 149 9.71 -9.94 3.43
N GLY B 150 8.81 -10.89 3.17
CA GLY B 150 8.27 -11.02 1.82
C GLY B 150 8.28 -12.38 1.14
N ASN B 151 8.68 -13.45 1.83
CA ASN B 151 8.47 -14.80 1.31
C ASN B 151 7.66 -15.56 2.36
N GLY B 152 6.52 -16.08 1.97
CA GLY B 152 5.60 -16.62 2.94
C GLY B 152 4.52 -17.51 2.38
N VAL B 153 3.42 -17.54 3.10
CA VAL B 153 2.30 -18.42 2.80
C VAL B 153 1.01 -17.69 3.17
N VAL B 154 -0.10 -18.18 2.63
CA VAL B 154 -1.44 -17.69 2.96
C VAL B 154 -2.18 -18.71 3.80
N ILE B 155 -2.78 -18.26 4.89
CA ILE B 155 -3.61 -19.13 5.74
C ILE B 155 -5.10 -18.88 5.60
N GLY B 158 -7.17 -16.22 4.83
CA GLY B 158 -6.66 -15.51 3.66
C GLY B 158 -5.59 -14.49 3.99
N SER B 159 -5.11 -14.53 5.22
CA SER B 159 -4.09 -13.58 5.62
C SER B 159 -2.72 -14.12 5.21
N TYR B 160 -1.88 -13.23 4.74
CA TYR B 160 -0.50 -13.57 4.43
C TYR B 160 0.33 -13.63 5.71
N VAL B 161 1.23 -14.60 5.77
CA VAL B 161 2.22 -14.71 6.84
C VAL B 161 3.59 -14.85 6.20
N SER B 162 4.53 -13.96 6.56
CA SER B 162 5.87 -13.94 5.97
C SER B 162 6.83 -14.70 6.86
N ALA B 163 7.64 -15.56 6.28
CA ALA B 163 8.81 -16.02 6.98
C ALA B 163 9.67 -14.82 7.37
N ILE B 164 10.39 -14.97 8.48
CA ILE B 164 11.55 -14.13 8.77
C ILE B 164 12.74 -14.80 8.08
N THR B 165 13.07 -14.34 6.87
CA THR B 165 14.10 -15.00 6.05
C THR B 165 15.47 -14.40 6.33
N GLN B 166 16.35 -15.23 6.86
CA GLN B 166 17.73 -14.84 7.12
C GLN B 166 18.69 -15.70 6.33
N GLY B 167 19.80 -15.09 5.93
CA GLY B 167 20.85 -15.76 5.20
C GLY B 167 21.94 -16.28 6.13
N LYS B 168 23.05 -16.66 5.54
CA LYS B 168 24.17 -17.22 6.28
C LYS B 168 25.38 -16.33 6.08
N ARG B 169 25.99 -15.93 7.19
CA ARG B 169 27.24 -15.17 7.14
C ARG B 169 28.41 -16.08 7.48
N VAL C 6 -6.30 28.75 -2.46
CA VAL C 6 -5.83 28.97 -1.09
C VAL C 6 -4.61 28.07 -0.81
N ASP C 7 -4.77 27.09 0.08
CA ASP C 7 -3.67 26.19 0.41
C ASP C 7 -3.49 25.05 -0.60
N MET C 8 -4.50 24.76 -1.42
CA MET C 8 -4.56 23.53 -2.16
C MET C 8 -4.91 23.78 -3.62
N TYR C 9 -4.45 22.89 -4.51
CA TYR C 9 -4.72 23.03 -5.92
C TYR C 9 -4.85 21.63 -6.52
N ILE C 10 -5.49 21.56 -7.68
CA ILE C 10 -5.73 20.29 -8.36
C ILE C 10 -4.94 20.27 -9.67
N GLU C 11 -4.43 19.08 -10.02
CA GLU C 11 -3.73 18.90 -11.29
C GLU C 11 -4.13 17.56 -11.89
N ARG C 12 -4.30 17.57 -13.22
CA ARG C 12 -4.82 16.42 -13.92
C ARG C 12 -3.90 15.21 -13.74
N ALA C 13 -4.52 14.04 -13.53
CA ALA C 13 -3.82 12.77 -13.45
C ALA C 13 -4.25 11.73 -14.48
N GLY C 14 -5.37 11.92 -15.17
CA GLY C 14 -5.72 10.99 -16.24
C GLY C 14 -7.18 11.07 -16.60
N ASP C 15 -7.54 10.33 -17.66
CA ASP C 15 -8.92 10.04 -18.02
C ASP C 15 -9.44 8.93 -17.11
N ILE C 16 -10.76 8.84 -17.01
CA ILE C 16 -11.39 7.79 -16.23
C ILE C 16 -11.94 6.74 -17.20
N THR C 17 -11.31 5.57 -17.20
CA THR C 17 -11.71 4.49 -18.10
C THR C 17 -11.41 3.17 -17.42
N TRP C 18 -12.22 2.18 -17.73
CA TRP C 18 -11.90 0.79 -17.42
C TRP C 18 -10.75 0.30 -18.30
N GLU C 19 -9.85 -0.49 -17.72
CA GLU C 19 -8.70 -1.03 -18.45
C GLU C 19 -8.88 -2.53 -18.59
N LYS C 20 -9.01 -3.00 -19.84
CA LYS C 20 -9.23 -4.44 -20.06
C LYS C 20 -8.06 -5.31 -19.58
N ASP C 21 -6.82 -4.82 -19.64
CA ASP C 21 -5.66 -5.63 -19.30
C ASP C 21 -5.21 -5.36 -17.88
N ALA C 22 -6.16 -5.13 -16.98
CA ALA C 22 -5.83 -4.77 -15.62
C ALA C 22 -5.53 -6.01 -14.79
N GLU C 23 -4.55 -5.88 -13.89
CA GLU C 23 -4.28 -6.92 -12.91
C GLU C 23 -5.45 -7.06 -11.96
N VAL C 24 -5.78 -8.29 -11.61
CA VAL C 24 -6.79 -8.61 -10.60
C VAL C 24 -6.08 -8.98 -9.32
N THR C 25 -6.51 -8.40 -8.21
CA THR C 25 -5.89 -8.72 -6.93
C THR C 25 -6.83 -8.34 -5.80
N GLY C 26 -6.42 -8.73 -4.60
CA GLY C 26 -7.18 -8.44 -3.41
C GLY C 26 -8.18 -9.52 -3.09
N ASN C 27 -8.52 -9.63 -1.80
CA ASN C 27 -9.57 -10.55 -1.36
C ASN C 27 -10.89 -9.78 -1.27
N SER C 28 -11.90 -10.39 -0.65
CA SER C 28 -13.28 -9.90 -0.61
C SER C 28 -13.83 -10.08 0.81
N PRO C 29 -13.27 -9.37 1.77
CA PRO C 29 -13.63 -9.63 3.18
C PRO C 29 -15.03 -9.16 3.52
N ARG C 30 -15.69 -9.91 4.38
CA ARG C 30 -16.98 -9.52 4.95
C ARG C 30 -16.69 -9.11 6.40
N LEU C 31 -16.74 -7.81 6.68
CA LEU C 31 -16.31 -7.26 7.95
C LEU C 31 -17.47 -6.53 8.64
N ASP C 32 -17.62 -6.76 9.94
CA ASP C 32 -18.57 -6.02 10.76
C ASP C 32 -17.92 -4.71 11.19
N VAL C 33 -18.51 -3.56 10.82
CA VAL C 33 -17.93 -2.27 11.11
C VAL C 33 -19.00 -1.33 11.68
N ALA C 34 -18.52 -0.26 12.31
CA ALA C 34 -19.37 0.81 12.80
C ALA C 34 -18.87 2.10 12.18
N LEU C 35 -19.80 2.99 11.87
CA LEU C 35 -19.50 4.31 11.32
C LEU C 35 -19.93 5.36 12.34
N ASP C 36 -18.97 6.12 12.83
CA ASP C 36 -19.30 7.10 13.87
C ASP C 36 -19.68 8.45 13.24
N GLU C 37 -20.22 9.33 14.10
CA GLU C 37 -20.73 10.60 13.61
C GLU C 37 -19.65 11.44 12.94
N SER C 38 -18.37 11.15 13.22
CA SER C 38 -17.28 11.88 12.56
C SER C 38 -16.91 11.31 11.19
N GLY C 39 -17.63 10.31 10.70
CA GLY C 39 -17.30 9.71 9.42
C GLY C 39 -16.19 8.69 9.47
N ASP C 40 -15.87 8.17 10.65
CA ASP C 40 -14.82 7.18 10.80
C ASP C 40 -15.40 5.79 10.98
N PHE C 41 -14.81 4.83 10.25
CA PHE C 41 -15.13 3.43 10.38
C PHE C 41 -14.25 2.78 11.45
N SER C 42 -14.83 1.85 12.19
CA SER C 42 -14.08 1.00 13.11
C SER C 42 -14.57 -0.43 13.00
N LEU C 43 -13.69 -1.37 13.38
CA LEU C 43 -14.09 -2.78 13.45
C LEU C 43 -14.90 -3.00 14.72
N VAL C 44 -15.96 -3.80 14.59
CA VAL C 44 -16.80 -4.13 15.73
C VAL C 44 -16.13 -5.23 16.54
N GLU C 45 -16.24 -5.13 17.87
CA GLU C 45 -15.71 -6.16 18.78
C GLU C 45 -16.85 -7.10 19.18
N VAL D 12 -11.65 27.27 -25.61
CA VAL D 12 -12.33 26.00 -25.83
C VAL D 12 -13.67 26.21 -26.52
N LYS D 13 -14.27 25.12 -26.95
CA LYS D 13 -15.63 25.19 -27.45
C LYS D 13 -16.59 25.34 -26.28
N LYS D 14 -17.72 25.98 -26.53
CA LYS D 14 -18.70 26.14 -25.48
C LYS D 14 -19.23 24.78 -25.06
N GLY D 15 -19.20 24.52 -23.74
CA GLY D 15 -19.60 23.25 -23.19
C GLY D 15 -18.47 22.28 -22.92
N GLU D 16 -17.24 22.61 -23.33
CA GLU D 16 -16.13 21.67 -23.18
C GLU D 16 -15.54 21.78 -21.78
N THR D 17 -15.98 20.89 -20.90
CA THR D 17 -15.44 20.81 -19.54
C THR D 17 -14.20 19.92 -19.52
N THR D 18 -13.66 19.69 -18.32
CA THR D 18 -12.38 19.02 -18.18
C THR D 18 -12.47 17.75 -17.35
N ASP D 19 -13.28 16.78 -17.80
CA ASP D 19 -13.50 15.52 -17.09
C ASP D 19 -12.18 14.78 -16.88
N GLY D 20 -12.08 14.09 -15.78
CA GLY D 20 -10.90 13.29 -15.50
C GLY D 20 -10.70 13.11 -14.01
N VAL D 21 -9.58 12.46 -13.68
CA VAL D 21 -9.16 12.27 -12.30
C VAL D 21 -8.01 13.23 -12.07
N TYR D 22 -7.95 13.80 -10.88
CA TYR D 22 -7.04 14.88 -10.54
C TYR D 22 -6.40 14.60 -9.21
N ARG D 23 -5.14 14.99 -9.06
CA ARG D 23 -4.47 15.01 -7.77
C ARG D 23 -4.86 16.27 -7.02
N VAL D 24 -5.04 16.14 -5.70
CA VAL D 24 -5.18 17.29 -4.81
C VAL D 24 -3.87 17.51 -4.09
N MET D 25 -3.24 18.67 -4.34
CA MET D 25 -1.90 18.99 -3.88
C MET D 25 -1.91 20.20 -2.93
N THR D 26 -0.99 20.18 -1.97
CA THR D 26 -0.69 21.39 -1.21
C THR D 26 0.37 22.20 -1.96
N ARG D 27 0.41 23.50 -1.69
CA ARG D 27 1.36 24.31 -2.43
C ARG D 27 2.77 24.17 -1.83
N ARG D 28 3.74 24.70 -2.57
CA ARG D 28 5.15 24.58 -2.24
C ARG D 28 5.46 24.84 -0.76
N LEU D 29 4.64 25.67 -0.12
CA LEU D 29 4.87 26.03 1.28
C LEU D 29 4.88 24.82 2.20
N LEU D 30 4.09 23.79 1.88
CA LEU D 30 3.87 22.67 2.78
C LEU D 30 4.63 21.41 2.37
N GLY D 31 5.23 21.41 1.19
CA GLY D 31 5.97 20.26 0.72
C GLY D 31 5.56 19.89 -0.69
N SER D 32 4.55 20.59 -1.21
CA SER D 32 3.92 20.21 -2.48
C SER D 32 3.53 18.75 -2.46
N THR D 33 2.82 18.37 -1.40
CA THR D 33 2.45 16.99 -1.14
C THR D 33 1.11 16.68 -1.78
N GLN D 34 0.95 15.45 -2.22
CA GLN D 34 -0.37 15.01 -2.65
C GLN D 34 -1.16 14.58 -1.41
N VAL D 35 -2.26 15.28 -1.11
CA VAL D 35 -3.10 14.90 0.02
C VAL D 35 -4.33 14.11 -0.38
N GLY D 36 -4.66 14.07 -1.66
CA GLY D 36 -5.77 13.26 -2.10
C GLY D 36 -5.94 13.34 -3.59
N VAL D 37 -7.13 12.94 -4.02
CA VAL D 37 -7.48 12.72 -5.42
C VAL D 37 -8.94 13.09 -5.56
N GLY D 38 -9.36 13.43 -6.77
CA GLY D 38 -10.79 13.58 -6.99
C GLY D 38 -11.16 13.44 -8.46
N VAL D 39 -12.47 13.51 -8.68
CA VAL D 39 -13.06 13.25 -9.98
C VAL D 39 -13.72 14.52 -10.46
N MET D 40 -13.33 14.98 -11.64
CA MET D 40 -14.03 16.07 -12.31
C MET D 40 -15.00 15.43 -13.29
N GLN D 41 -16.30 15.68 -13.11
CA GLN D 41 -17.30 15.11 -14.02
C GLN D 41 -18.44 16.11 -14.10
N GLU D 42 -18.86 16.44 -15.33
CA GLU D 42 -20.01 17.31 -15.57
C GLU D 42 -19.84 18.64 -14.85
N GLY D 43 -18.59 19.13 -14.83
CA GLY D 43 -18.29 20.43 -14.29
C GLY D 43 -18.17 20.50 -12.78
N VAL D 44 -18.26 19.37 -12.10
CA VAL D 44 -18.21 19.29 -10.64
C VAL D 44 -16.99 18.48 -10.23
N PHE D 45 -16.28 18.96 -9.22
CA PHE D 45 -15.19 18.20 -8.62
C PHE D 45 -15.66 17.46 -7.38
N HIS D 46 -15.39 16.15 -7.36
CA HIS D 46 -15.83 15.25 -6.32
C HIS D 46 -14.63 14.69 -5.56
N THR D 47 -14.61 14.85 -4.24
CA THR D 47 -13.52 14.23 -3.47
C THR D 47 -14.06 13.87 -2.09
N MET D 48 -13.17 13.36 -1.24
CA MET D 48 -13.56 13.02 0.13
C MET D 48 -13.35 14.19 1.08
N TRP D 49 -14.28 14.37 2.01
CA TRP D 49 -14.21 15.54 2.89
C TRP D 49 -12.89 15.60 3.63
N HIS D 50 -12.40 14.45 4.11
CA HIS D 50 -11.17 14.47 4.89
C HIS D 50 -9.95 14.89 4.09
N VAL D 51 -10.00 14.88 2.75
CA VAL D 51 -8.87 15.36 1.95
C VAL D 51 -8.74 16.89 2.04
N THR D 52 -9.85 17.61 1.83
CA THR D 52 -9.80 19.07 1.76
C THR D 52 -10.40 19.77 2.97
N LYS D 53 -11.24 19.10 3.75
CA LYS D 53 -11.97 19.70 4.84
C LYS D 53 -12.78 20.89 4.34
N GLY D 54 -13.25 20.81 3.09
CA GLY D 54 -14.06 21.88 2.53
C GLY D 54 -13.30 23.11 2.10
N ALA D 55 -11.98 23.11 2.22
CA ALA D 55 -11.18 24.27 1.81
C ALA D 55 -11.38 24.53 0.32
N ALA D 56 -11.25 25.80 -0.07
CA ALA D 56 -11.27 26.13 -1.48
C ALA D 56 -10.05 25.55 -2.19
N LEU D 57 -10.19 25.35 -3.51
CA LEU D 57 -9.17 24.73 -4.33
C LEU D 57 -8.82 25.62 -5.52
N ARG D 58 -7.55 25.68 -5.86
CA ARG D 58 -7.13 26.41 -7.05
C ARG D 58 -7.09 25.43 -8.21
N SER D 59 -7.58 25.87 -9.37
CA SER D 59 -7.57 25.07 -10.58
C SER D 59 -6.99 25.97 -11.67
N GLY D 60 -5.70 25.83 -11.90
CA GLY D 60 -5.02 26.77 -12.77
C GLY D 60 -5.21 28.16 -12.19
N GLU D 61 -5.89 29.01 -12.95
CA GLU D 61 -6.07 30.40 -12.56
C GLU D 61 -7.38 30.66 -11.81
N GLY D 62 -8.26 29.66 -11.72
CA GLY D 62 -9.55 29.82 -11.09
C GLY D 62 -9.60 29.22 -9.69
N ARG D 63 -10.72 29.47 -9.01
CA ARG D 63 -10.98 28.96 -7.69
C ARG D 63 -12.22 28.08 -7.70
N LEU D 64 -12.15 26.95 -7.02
CA LEU D 64 -13.28 26.04 -6.86
C LEU D 64 -13.77 26.12 -5.42
N ASP D 65 -15.05 26.36 -5.24
CA ASP D 65 -15.67 26.50 -3.93
C ASP D 65 -16.58 25.32 -3.63
N PRO D 66 -16.62 24.87 -2.37
CA PRO D 66 -17.49 23.75 -2.03
C PRO D 66 -18.94 24.13 -2.26
N TYR D 67 -19.69 23.15 -2.67
CA TYR D 67 -21.10 23.26 -2.97
C TYR D 67 -21.97 22.36 -2.10
N TRP D 68 -21.59 21.13 -1.88
CA TRP D 68 -22.30 20.21 -1.01
C TRP D 68 -21.24 19.43 -0.26
N GLY D 69 -21.52 19.08 0.98
CA GLY D 69 -20.64 18.18 1.70
C GLY D 69 -21.31 17.57 2.90
N ASP D 70 -20.73 16.47 3.36
CA ASP D 70 -21.26 15.75 4.51
C ASP D 70 -20.12 14.99 5.17
N VAL D 71 -19.83 15.37 6.42
CA VAL D 71 -18.73 14.79 7.17
C VAL D 71 -18.93 13.31 7.39
N LYS D 72 -20.16 12.89 7.68
CA LYS D 72 -20.35 11.48 8.03
C LYS D 72 -20.16 10.60 6.81
N GLN D 73 -20.70 11.01 5.66
CA GLN D 73 -20.45 10.30 4.42
C GLN D 73 -19.00 10.46 3.98
N ASP D 74 -18.32 11.51 4.45
CA ASP D 74 -16.94 11.83 4.09
C ASP D 74 -16.81 12.22 2.62
N LEU D 75 -17.74 13.04 2.13
CA LEU D 75 -17.77 13.44 0.73
C LEU D 75 -17.98 14.94 0.61
N VAL D 76 -17.48 15.51 -0.48
CA VAL D 76 -17.70 16.92 -0.80
C VAL D 76 -17.69 17.09 -2.31
N SER D 77 -18.53 17.99 -2.80
CA SER D 77 -18.50 18.39 -4.19
C SER D 77 -18.23 19.88 -4.27
N TYR D 78 -17.62 20.28 -5.37
CA TYR D 78 -17.22 21.65 -5.69
C TYR D 78 -17.85 22.05 -7.01
N CYS D 79 -18.34 23.31 -7.10
CA CYS D 79 -18.85 23.95 -8.30
C CYS D 79 -20.27 23.53 -8.64
N GLY D 80 -20.82 22.52 -8.00
CA GLY D 80 -22.15 22.04 -8.29
C GLY D 80 -22.45 20.81 -7.48
N PRO D 81 -23.63 20.25 -7.67
CA PRO D 81 -24.07 19.13 -6.85
C PRO D 81 -23.38 17.84 -7.27
N TRP D 82 -23.33 16.90 -6.33
CA TRP D 82 -22.78 15.58 -6.57
C TRP D 82 -23.43 14.93 -7.80
N LYS D 83 -22.59 14.50 -8.73
CA LYS D 83 -23.06 13.98 -10.02
C LYS D 83 -22.99 12.48 -10.15
N LEU D 84 -22.26 11.79 -9.27
CA LEU D 84 -21.92 10.38 -9.47
C LEU D 84 -22.96 9.53 -8.77
N ASP D 85 -23.71 8.72 -9.53
CA ASP D 85 -24.74 7.91 -8.89
C ASP D 85 -24.73 6.45 -9.30
N ALA D 86 -23.74 6.00 -10.07
CA ALA D 86 -23.67 4.58 -10.36
C ALA D 86 -23.39 3.84 -9.06
N ALA D 87 -23.93 2.60 -8.97
CA ALA D 87 -23.77 1.77 -7.78
C ALA D 87 -23.12 0.46 -8.14
N TRP D 88 -22.26 -0.05 -7.24
CA TRP D 88 -21.79 -1.43 -7.36
C TRP D 88 -23.00 -2.36 -7.42
N ASP D 89 -22.99 -3.28 -8.38
CA ASP D 89 -24.12 -4.20 -8.56
C ASP D 89 -24.11 -5.36 -7.56
N GLY D 90 -23.13 -5.40 -6.65
CA GLY D 90 -23.03 -6.44 -5.65
C GLY D 90 -22.48 -7.77 -6.15
N LEU D 91 -22.13 -7.86 -7.40
CA LEU D 91 -21.84 -9.13 -8.06
C LEU D 91 -20.55 -9.09 -8.89
N SER D 92 -20.28 -7.99 -9.57
CA SER D 92 -19.21 -7.91 -10.55
C SER D 92 -17.94 -7.35 -9.95
N GLU D 93 -16.82 -7.71 -10.59
CA GLU D 93 -15.57 -7.07 -10.27
C GLU D 93 -15.61 -5.60 -10.68
N VAL D 94 -14.79 -4.81 -10.00
CA VAL D 94 -14.70 -3.37 -10.17
C VAL D 94 -13.23 -3.04 -10.36
N GLN D 95 -12.94 -1.80 -10.74
CA GLN D 95 -11.55 -1.35 -10.84
C GLN D 95 -11.36 -0.08 -10.01
N LEU D 96 -10.36 -0.12 -9.15
CA LEU D 96 -9.81 1.09 -8.54
C LEU D 96 -8.89 1.78 -9.54
N LEU D 97 -9.20 3.03 -9.90
CA LEU D 97 -8.28 3.85 -10.68
C LEU D 97 -7.43 4.57 -9.66
N ALA D 98 -6.40 3.87 -9.18
CA ALA D 98 -5.54 4.40 -8.13
C ALA D 98 -4.65 5.49 -8.67
N VAL D 99 -4.60 6.62 -7.95
CA VAL D 99 -3.70 7.70 -8.30
C VAL D 99 -2.80 7.92 -7.09
N PRO D 100 -1.78 7.07 -6.89
CA PRO D 100 -0.93 7.22 -5.71
C PRO D 100 0.00 8.40 -5.85
N PRO D 101 0.32 9.08 -4.77
CA PRO D 101 1.35 10.12 -4.80
C PRO D 101 2.61 9.66 -5.50
N GLY D 102 3.12 10.50 -6.39
CA GLY D 102 4.36 10.25 -7.08
C GLY D 102 4.32 9.15 -8.11
N GLU D 103 3.15 8.62 -8.44
CA GLU D 103 3.07 7.52 -9.38
C GLU D 103 1.94 7.75 -10.38
N ARG D 104 2.17 7.28 -11.60
CA ARG D 104 1.14 7.34 -12.64
C ARG D 104 -0.12 6.62 -12.20
N ALA D 105 -1.26 7.15 -12.61
CA ALA D 105 -2.53 6.45 -12.40
C ALA D 105 -2.49 5.04 -12.98
N LYS D 106 -3.13 4.11 -12.27
CA LYS D 106 -3.15 2.71 -12.68
C LYS D 106 -4.45 2.07 -12.23
N ASN D 107 -4.94 1.15 -13.05
CA ASN D 107 -6.17 0.44 -12.78
C ASN D 107 -5.88 -0.89 -12.11
N ILE D 108 -6.59 -1.15 -11.01
CA ILE D 108 -6.46 -2.39 -10.26
C ILE D 108 -7.84 -3.01 -10.16
N GLN D 109 -7.98 -4.26 -10.63
CA GLN D 109 -9.26 -4.94 -10.68
C GLN D 109 -9.40 -5.81 -9.44
N THR D 110 -10.63 -5.86 -8.89
CA THR D 110 -10.83 -6.62 -7.67
C THR D 110 -12.31 -6.96 -7.54
N LEU D 111 -12.61 -8.01 -6.78
CA LEU D 111 -13.99 -8.26 -6.33
C LEU D 111 -14.18 -7.67 -4.95
N PRO D 112 -15.05 -6.70 -4.76
CA PRO D 112 -15.25 -6.16 -3.42
C PRO D 112 -15.73 -7.20 -2.42
N GLY D 113 -15.30 -7.00 -1.19
CA GLY D 113 -15.98 -7.53 -0.03
C GLY D 113 -17.05 -6.56 0.44
N ILE D 114 -17.39 -6.69 1.72
CA ILE D 114 -18.59 -6.04 2.27
C ILE D 114 -18.26 -5.49 3.65
N PHE D 115 -18.60 -4.21 3.87
CA PHE D 115 -18.72 -3.63 5.20
C PHE D 115 -20.16 -3.84 5.67
N LYS D 116 -20.34 -4.63 6.73
CA LYS D 116 -21.65 -4.87 7.31
C LYS D 116 -21.83 -3.93 8.49
N THR D 117 -22.82 -3.06 8.41
CA THR D 117 -23.14 -2.10 9.45
C THR D 117 -24.58 -2.25 9.90
N LYS D 118 -24.88 -1.63 11.04
CA LYS D 118 -26.23 -1.69 11.59
C LYS D 118 -27.28 -1.10 10.65
N ASP D 119 -26.84 -0.36 9.63
CA ASP D 119 -27.73 0.32 8.70
C ASP D 119 -27.66 -0.29 7.30
N GLY D 120 -26.99 -1.42 7.13
CA GLY D 120 -26.92 -2.08 5.86
C GLY D 120 -25.49 -2.27 5.39
N ASP D 121 -25.37 -2.93 4.25
CA ASP D 121 -24.10 -3.36 3.72
C ASP D 121 -23.59 -2.35 2.69
N ILE D 122 -22.28 -2.17 2.68
CA ILE D 122 -21.58 -1.33 1.71
C ILE D 122 -20.49 -2.20 1.11
N GLY D 123 -20.31 -2.13 -0.21
CA GLY D 123 -19.13 -2.71 -0.81
C GLY D 123 -17.86 -2.12 -0.26
N ALA D 124 -16.81 -2.92 -0.26
CA ALA D 124 -15.50 -2.49 0.24
C ALA D 124 -14.41 -3.15 -0.59
N VAL D 125 -13.33 -2.42 -0.85
CA VAL D 125 -12.22 -2.98 -1.61
C VAL D 125 -10.99 -3.17 -0.70
N ALA D 126 -10.41 -4.37 -0.77
CA ALA D 126 -9.22 -4.75 0.00
C ALA D 126 -7.98 -4.47 -0.85
N LEU D 127 -7.74 -3.18 -1.04
CA LEU D 127 -6.61 -2.65 -1.79
C LEU D 127 -5.96 -1.58 -0.92
N ASP D 128 -4.64 -1.66 -0.78
CA ASP D 128 -3.90 -0.87 0.20
C ASP D 128 -2.95 0.10 -0.48
N TYR D 129 -3.35 1.38 -0.47
CA TYR D 129 -2.59 2.51 -1.01
C TYR D 129 -2.40 3.59 0.03
N PRO D 130 -1.38 4.44 -0.12
CA PRO D 130 -1.16 5.50 0.87
C PRO D 130 -2.35 6.44 0.97
N ALA D 131 -2.38 7.14 2.10
CA ALA D 131 -3.51 8.02 2.43
C ALA D 131 -3.76 9.06 1.34
N GLY D 132 -2.72 9.54 0.68
CA GLY D 132 -2.91 10.55 -0.35
C GLY D 132 -3.55 10.05 -1.63
N THR D 133 -3.86 8.75 -1.69
CA THR D 133 -4.65 8.14 -2.76
C THR D 133 -6.15 8.31 -2.53
N SER D 134 -6.53 8.80 -1.34
CA SER D 134 -7.92 9.02 -0.99
C SER D 134 -8.60 9.92 -2.01
N GLY D 135 -9.80 9.51 -2.45
CA GLY D 135 -10.52 10.19 -3.48
C GLY D 135 -10.42 9.56 -4.84
N SER D 136 -9.55 8.56 -4.98
CA SER D 136 -9.42 7.88 -6.27
C SER D 136 -10.72 7.16 -6.59
N PRO D 137 -11.16 7.16 -7.84
CA PRO D 137 -12.45 6.56 -8.17
C PRO D 137 -12.40 5.06 -8.34
N ILE D 138 -13.49 4.43 -7.98
CA ILE D 138 -13.79 3.02 -8.20
C ILE D 138 -14.81 2.95 -9.31
N LEU D 139 -14.57 2.06 -10.29
CA LEU D 139 -15.29 2.03 -11.55
C LEU D 139 -16.00 0.71 -11.75
N ASP D 140 -17.16 0.76 -12.40
CA ASP D 140 -17.77 -0.45 -12.94
C ASP D 140 -17.28 -0.70 -14.38
N LYS D 141 -17.73 -1.81 -14.98
CA LYS D 141 -17.17 -2.20 -16.28
C LYS D 141 -17.53 -1.23 -17.40
N SER D 142 -18.56 -0.40 -17.22
CA SER D 142 -18.86 0.60 -18.25
C SER D 142 -18.07 1.88 -18.04
N GLY D 143 -17.15 1.91 -17.08
CA GLY D 143 -16.35 3.10 -16.83
C GLY D 143 -16.99 4.13 -15.93
N ARG D 144 -18.14 3.82 -15.34
CA ARG D 144 -18.79 4.78 -14.45
C ARG D 144 -18.20 4.70 -13.05
N VAL D 145 -18.18 5.85 -12.39
CA VAL D 145 -17.65 5.90 -11.03
C VAL D 145 -18.74 5.46 -10.05
N ILE D 146 -18.50 4.35 -9.37
CA ILE D 146 -19.42 3.80 -8.38
C ILE D 146 -19.07 4.21 -6.97
N GLY D 147 -18.00 4.97 -6.80
CA GLY D 147 -17.65 5.50 -5.50
C GLY D 147 -16.20 5.93 -5.47
N LEU D 148 -15.81 6.48 -4.32
CA LEU D 148 -14.45 6.93 -4.07
C LEU D 148 -13.78 6.11 -2.98
N TYR D 149 -12.49 5.88 -3.17
CA TYR D 149 -11.61 5.12 -2.28
C TYR D 149 -11.04 6.01 -1.20
N GLY D 150 -10.97 5.50 0.02
CA GLY D 150 -10.20 6.22 1.01
C GLY D 150 -10.80 6.44 2.38
N ASN D 151 -12.02 5.96 2.63
CA ASN D 151 -12.57 5.91 3.96
C ASN D 151 -12.80 4.45 4.32
N GLY D 152 -12.08 3.96 5.33
CA GLY D 152 -12.02 2.55 5.59
C GLY D 152 -11.46 2.23 6.96
N VAL D 153 -10.84 1.06 7.07
CA VAL D 153 -10.34 0.52 8.33
C VAL D 153 -9.03 -0.19 8.08
N VAL D 154 -8.15 -0.17 9.08
CA VAL D 154 -6.95 -1.01 9.11
C VAL D 154 -7.30 -2.28 9.88
N ILE D 155 -7.01 -3.44 9.29
CA ILE D 155 -7.38 -4.69 9.94
C ILE D 155 -6.18 -5.29 10.67
N LYS D 156 -6.35 -6.46 11.29
CA LYS D 156 -5.42 -6.90 12.30
C LYS D 156 -4.04 -7.18 11.71
N ASN D 157 -3.94 -7.55 10.44
CA ASN D 157 -2.65 -7.89 9.86
C ASN D 157 -1.95 -6.68 9.29
N GLY D 158 -2.50 -5.47 9.52
CA GLY D 158 -1.87 -4.23 9.13
C GLY D 158 -2.34 -3.69 7.80
N SER D 159 -3.07 -4.50 7.02
CA SER D 159 -3.55 -4.02 5.74
C SER D 159 -4.79 -3.12 5.88
N TYR D 160 -5.15 -2.50 4.77
CA TYR D 160 -6.21 -1.49 4.75
C TYR D 160 -7.33 -1.94 3.83
N VAL D 161 -8.57 -1.73 4.26
CA VAL D 161 -9.76 -2.01 3.46
C VAL D 161 -10.61 -0.75 3.39
N SER D 162 -10.98 -0.34 2.16
CA SER D 162 -11.73 0.91 1.94
C SER D 162 -13.19 0.62 1.62
N ALA D 163 -14.10 1.39 2.23
CA ALA D 163 -15.46 1.37 1.72
C ALA D 163 -15.48 1.87 0.26
N ILE D 164 -16.48 1.45 -0.48
CA ILE D 164 -16.82 2.12 -1.75
C ILE D 164 -17.81 3.22 -1.40
N THR D 165 -17.33 4.44 -1.25
CA THR D 165 -18.16 5.53 -0.76
C THR D 165 -18.79 6.28 -1.93
N GLN D 166 -20.11 6.28 -1.97
CA GLN D 166 -20.85 6.93 -3.05
C GLN D 166 -21.84 7.93 -2.48
N GLY D 167 -22.01 9.04 -3.21
CA GLY D 167 -22.98 10.06 -2.89
C GLY D 167 -24.30 9.86 -3.60
N LYS D 168 -25.15 10.85 -3.46
CA LYS D 168 -26.47 10.84 -4.06
C LYS D 168 -26.52 11.94 -5.10
N ARG D 169 -27.10 11.63 -6.26
CA ARG D 169 -27.31 12.63 -7.28
C ARG D 169 -28.70 13.23 -7.08
N GLU D 170 -28.76 14.55 -7.03
CA GLU D 170 -30.01 15.31 -6.94
C GLU D 170 -30.72 15.01 -5.62
#